data_2QKN
#
_entry.id   2QKN
#
_cell.length_a   249.544
_cell.length_b   50.523
_cell.length_c   51.257
_cell.angle_alpha   90.00
_cell.angle_beta   94.01
_cell.angle_gamma   90.00
#
_symmetry.space_group_name_H-M   'C 1 2 1'
#
loop_
_entity.id
_entity.type
_entity.pdbx_description
1 polymer 'Cytokinin dehydrogenase 1'
2 branched 2-acetamido-2-deoxy-beta-D-glucopyranose-(1-4)-2-acetamido-2-deoxy-beta-D-glucopyranose
3 non-polymer 2-acetamido-2-deoxy-beta-D-glucopyranose
4 non-polymer 'FLAVIN-ADENINE DINUCLEOTIDE'
5 non-polymer 1-(2-chloropyridin-4-yl)-3-phenylurea
6 non-polymer GLYCEROL
7 water water
#
_entity_poly.entity_id   1
_entity_poly.type   'polypeptide(L)'
_entity_poly.pdbx_seq_one_letter_code
;LAAGTPALGDDRGRPWPASLAALALDGKLRTDSNATAAASTDFGNITSALPAAVLYPSSTADLVALLSAANSTPGWPYTI
AFRGRGHSLMGQAFAPGGVVVNMASLGDAAAPPRINVSADGRYVDAGGEQVWIDVLRASLARGVAPRSWTDYLYLTVGGT
LSNAGISGQAFRHGPQISNVLEMDVITGHGEMVTCSKQLNADLFDAVLGGLGQFGVITRARIAVEPAPARARWVRLVYTD
FAAFSADQERLTAPRPGGGGASFGPMSYVEGSVFVNQSLATDLANTGFFTDADVARIVALAGERNATTVYSIEATLNYDN
ATAAAAAVDQELASVLGTLSYVEGFAFQRDVAYAAFLDRVHGEEVALNKLGLWRVPHPWLNMFVPRSRIADFDRGVFKGI
LQGTDIVGPLIVYPLNKSMWDDGMSAATPSEDVFYAVSLLFSSVAPNDLARLQEQNRRILRFCDLAGIQYKTYLARHTDR
SDWVRHFGAAKWNRFVEMKNKYDPKRLLSPGQDIFN
;
_entity_poly.pdbx_strand_id   A
#
loop_
_chem_comp.id
_chem_comp.type
_chem_comp.name
_chem_comp.formula
245 non-polymer 1-(2-chloropyridin-4-yl)-3-phenylurea 'C12 H10 Cl N3 O'
FAD non-polymer 'FLAVIN-ADENINE DINUCLEOTIDE' 'C27 H33 N9 O15 P2'
GOL non-polymer GLYCEROL 'C3 H8 O3'
NAG D-saccharide, beta linking 2-acetamido-2-deoxy-beta-D-glucopyranose 'C8 H15 N O6'
#
# COMPACT_ATOMS: atom_id res chain seq x y z
N PRO A 15 -28.52 -15.67 23.48
CA PRO A 15 -29.44 -15.71 22.34
C PRO A 15 -28.85 -15.18 21.04
N TRP A 16 -29.26 -15.79 19.93
CA TRP A 16 -28.78 -15.43 18.60
C TRP A 16 -29.89 -14.86 17.74
N PRO A 17 -29.67 -13.69 17.12
CA PRO A 17 -30.73 -13.16 16.27
C PRO A 17 -30.91 -14.19 15.16
N ALA A 18 -32.14 -14.34 14.67
CA ALA A 18 -32.43 -15.31 13.62
C ALA A 18 -31.49 -15.21 12.42
N SER A 19 -31.28 -13.98 11.92
CA SER A 19 -30.41 -13.78 10.78
C SER A 19 -28.97 -14.25 11.02
N LEU A 20 -28.51 -14.12 12.26
CA LEU A 20 -27.16 -14.55 12.61
C LEU A 20 -27.09 -16.08 12.61
N ALA A 21 -28.08 -16.70 13.25
CA ALA A 21 -28.13 -18.16 13.33
C ALA A 21 -28.28 -18.72 11.92
N ALA A 22 -28.96 -17.99 11.06
CA ALA A 22 -29.16 -18.43 9.69
C ALA A 22 -27.81 -18.58 8.98
N LEU A 23 -26.87 -17.70 9.31
CA LEU A 23 -25.54 -17.75 8.70
C LEU A 23 -24.85 -19.06 9.07
N ALA A 24 -25.00 -19.46 10.33
CA ALA A 24 -24.40 -20.70 10.82
C ALA A 24 -25.11 -21.87 10.16
N LEU A 25 -26.43 -21.82 10.16
CA LEU A 25 -27.25 -22.87 9.56
C LEU A 25 -26.85 -23.09 8.11
N ASP A 26 -26.50 -22.01 7.43
CA ASP A 26 -26.10 -22.08 6.03
C ASP A 26 -24.64 -22.47 5.82
N GLY A 27 -23.94 -22.73 6.92
CA GLY A 27 -22.54 -23.12 6.82
C GLY A 27 -21.61 -21.96 6.49
N LYS A 28 -22.08 -20.74 6.68
CA LYS A 28 -21.26 -19.57 6.39
C LYS A 28 -20.37 -19.20 7.58
N LEU A 29 -20.80 -19.59 8.78
CA LEU A 29 -20.06 -19.33 10.00
C LEU A 29 -19.31 -20.62 10.36
N ARG A 30 -18.03 -20.68 10.04
CA ARG A 30 -17.24 -21.86 10.34
C ARG A 30 -16.39 -21.69 11.58
N THR A 31 -16.14 -22.80 12.27
CA THR A 31 -15.34 -22.79 13.48
C THR A 31 -14.29 -23.88 13.42
N ASP A 32 -14.34 -24.68 12.35
CA ASP A 32 -13.38 -25.76 12.16
C ASP A 32 -11.95 -25.21 12.12
N SER A 33 -11.00 -26.03 12.58
CA SER A 33 -9.61 -25.60 12.61
C SER A 33 -9.13 -25.08 11.26
N ASN A 34 -9.44 -25.80 10.18
CA ASN A 34 -9.02 -25.37 8.85
C ASN A 34 -9.34 -23.90 8.60
N ALA A 35 -10.58 -23.52 8.89
CA ALA A 35 -11.02 -22.15 8.68
C ALA A 35 -10.29 -21.17 9.59
N THR A 36 -10.36 -21.40 10.90
CA THR A 36 -9.72 -20.52 11.87
C THR A 36 -8.21 -20.38 11.67
N ALA A 37 -7.56 -21.47 11.27
CA ALA A 37 -6.11 -21.43 11.06
C ALA A 37 -5.72 -20.54 9.88
N ALA A 38 -6.43 -20.68 8.77
CA ALA A 38 -6.14 -19.89 7.58
C ALA A 38 -6.30 -18.39 7.86
N ALA A 39 -7.23 -18.06 8.75
CA ALA A 39 -7.48 -16.67 9.11
C ALA A 39 -6.66 -16.24 10.32
N SER A 40 -5.61 -16.99 10.64
CA SER A 40 -4.78 -16.67 11.80
C SER A 40 -3.37 -16.19 11.49
N THR A 41 -2.99 -16.25 10.22
CA THR A 41 -1.66 -15.79 9.82
C THR A 41 -1.78 -14.73 8.73
N ASP A 42 -0.74 -13.94 8.53
CA ASP A 42 -0.77 -12.92 7.49
C ASP A 42 0.57 -12.87 6.78
N PHE A 43 0.68 -11.99 5.78
CA PHE A 43 1.92 -11.86 5.02
C PHE A 43 3.12 -11.58 5.93
N GLY A 44 2.88 -10.85 7.02
CA GLY A 44 3.97 -10.55 7.93
C GLY A 44 4.66 -11.84 8.38
N ASN A 45 3.87 -12.86 8.66
CA ASN A 45 4.38 -14.15 9.10
C ASN A 45 5.21 -13.99 10.37
N ILE A 46 4.90 -12.98 11.17
CA ILE A 46 5.64 -12.72 12.39
C ILE A 46 4.74 -12.94 13.60
N THR A 47 3.47 -12.60 13.45
CA THR A 47 2.51 -12.76 14.52
C THR A 47 1.31 -13.53 14.00
N SER A 48 0.53 -14.11 14.91
CA SER A 48 -0.65 -14.86 14.52
C SER A 48 -1.63 -14.90 15.69
N ALA A 49 -2.92 -15.04 15.37
CA ALA A 49 -3.95 -15.09 16.39
C ALA A 49 -5.17 -15.80 15.83
N LEU A 50 -5.54 -16.91 16.48
CA LEU A 50 -6.69 -17.69 16.07
C LEU A 50 -8.01 -17.01 16.43
N PRO A 51 -8.95 -16.94 15.48
CA PRO A 51 -10.23 -16.31 15.76
C PRO A 51 -11.14 -17.41 16.31
N ALA A 52 -12.31 -17.04 16.82
CA ALA A 52 -13.24 -18.03 17.33
C ALA A 52 -13.95 -18.63 16.13
N ALA A 53 -14.23 -17.78 15.15
CA ALA A 53 -14.90 -18.19 13.93
C ALA A 53 -14.52 -17.35 12.72
N VAL A 54 -14.97 -17.78 11.55
CA VAL A 54 -14.72 -17.09 10.29
C VAL A 54 -16.02 -17.07 9.49
N LEU A 55 -16.36 -15.92 8.94
CA LEU A 55 -17.58 -15.77 8.15
C LEU A 55 -17.28 -15.67 6.65
N TYR A 56 -17.98 -16.50 5.87
CA TYR A 56 -17.83 -16.52 4.42
C TYR A 56 -19.13 -15.99 3.84
N PRO A 57 -19.32 -14.67 3.85
CA PRO A 57 -20.54 -14.04 3.32
C PRO A 57 -20.70 -14.20 1.82
N SER A 58 -21.93 -14.39 1.37
CA SER A 58 -22.20 -14.54 -0.05
C SER A 58 -22.81 -13.24 -0.57
N SER A 59 -23.14 -12.34 0.35
CA SER A 59 -23.71 -11.05 -0.01
C SER A 59 -23.51 -10.06 1.14
N THR A 60 -23.68 -8.78 0.85
CA THR A 60 -23.51 -7.74 1.86
C THR A 60 -24.54 -7.90 2.98
N ALA A 61 -25.65 -8.57 2.66
CA ALA A 61 -26.70 -8.80 3.64
C ALA A 61 -26.15 -9.61 4.80
N ASP A 62 -25.27 -10.57 4.49
CA ASP A 62 -24.67 -11.39 5.52
C ASP A 62 -23.83 -10.53 6.46
N LEU A 63 -23.17 -9.51 5.91
CA LEU A 63 -22.36 -8.61 6.72
C LEU A 63 -23.28 -7.79 7.62
N VAL A 64 -24.41 -7.37 7.08
CA VAL A 64 -25.38 -6.61 7.86
C VAL A 64 -25.85 -7.45 9.06
N ALA A 65 -26.16 -8.71 8.80
CA ALA A 65 -26.62 -9.62 9.85
C ALA A 65 -25.64 -9.73 11.01
N LEU A 66 -24.35 -9.89 10.68
CA LEU A 66 -23.31 -10.02 11.71
C LEU A 66 -23.16 -8.74 12.54
N LEU A 67 -22.91 -7.63 11.85
CA LEU A 67 -22.72 -6.36 12.54
C LEU A 67 -23.96 -5.89 13.29
N SER A 68 -25.14 -6.25 12.78
CA SER A 68 -26.38 -5.86 13.45
C SER A 68 -26.54 -6.66 14.74
N ALA A 69 -26.24 -7.95 14.67
CA ALA A 69 -26.33 -8.79 15.84
C ALA A 69 -25.41 -8.21 16.91
N ALA A 70 -24.15 -8.02 16.53
CA ALA A 70 -23.14 -7.48 17.43
C ALA A 70 -23.59 -6.18 18.07
N ASN A 71 -24.19 -5.30 17.28
CA ASN A 71 -24.64 -4.01 17.77
C ASN A 71 -25.84 -4.07 18.72
N SER A 72 -26.76 -4.99 18.47
CA SER A 72 -27.95 -5.10 19.32
C SER A 72 -27.81 -6.11 20.46
N THR A 73 -26.88 -7.06 20.31
CA THR A 73 -26.66 -8.06 21.34
C THR A 73 -25.83 -7.55 22.51
N PRO A 74 -26.48 -7.28 23.65
CA PRO A 74 -25.75 -6.78 24.83
C PRO A 74 -24.67 -7.77 25.27
N GLY A 75 -23.48 -7.25 25.55
CA GLY A 75 -22.39 -8.11 25.99
C GLY A 75 -21.66 -8.85 24.90
N TRP A 76 -21.97 -8.54 23.64
CA TRP A 76 -21.30 -9.18 22.51
C TRP A 76 -19.79 -9.10 22.77
N PRO A 77 -19.13 -10.26 22.86
CA PRO A 77 -17.69 -10.31 23.12
C PRO A 77 -16.78 -10.60 21.92
N TYR A 78 -17.31 -10.59 20.71
CA TYR A 78 -16.48 -10.90 19.55
C TYR A 78 -16.04 -9.72 18.70
N THR A 79 -14.73 -9.51 18.66
CA THR A 79 -14.21 -8.42 17.85
C THR A 79 -14.34 -8.92 16.42
N ILE A 80 -14.44 -8.01 15.46
CA ILE A 80 -14.61 -8.40 14.07
C ILE A 80 -13.58 -7.76 13.14
N ALA A 81 -12.95 -8.59 12.30
CA ALA A 81 -11.95 -8.11 11.36
C ALA A 81 -12.41 -8.43 9.94
N PHE A 82 -11.92 -7.66 8.98
CA PHE A 82 -12.26 -7.87 7.59
C PHE A 82 -11.01 -8.29 6.80
N ARG A 83 -10.86 -9.59 6.59
CA ARG A 83 -9.69 -10.07 5.85
C ARG A 83 -9.83 -9.93 4.34
N GLY A 84 -8.99 -9.09 3.75
CA GLY A 84 -9.01 -8.91 2.31
C GLY A 84 -8.20 -10.06 1.74
N ARG A 85 -6.88 -9.91 1.75
CA ARG A 85 -5.99 -10.95 1.30
C ARG A 85 -4.94 -11.20 2.39
N GLY A 86 -5.12 -10.51 3.52
CA GLY A 86 -4.20 -10.68 4.63
C GLY A 86 -2.77 -10.21 4.40
N HIS A 87 -2.57 -9.14 3.63
CA HIS A 87 -1.23 -8.66 3.38
C HIS A 87 -0.64 -7.85 4.52
N SER A 88 -1.41 -7.72 5.60
CA SER A 88 -0.97 -7.01 6.78
C SER A 88 0.35 -7.62 7.26
N LEU A 89 1.14 -6.81 7.97
CA LEU A 89 2.44 -7.22 8.44
C LEU A 89 2.50 -7.64 9.90
N MET A 90 1.61 -7.09 10.72
CA MET A 90 1.63 -7.40 12.14
C MET A 90 0.26 -7.68 12.75
N GLY A 91 -0.51 -8.53 12.07
CA GLY A 91 -1.81 -8.93 12.57
C GLY A 91 -2.99 -7.97 12.50
N GLN A 92 -2.87 -6.89 11.72
CA GLN A 92 -3.96 -5.93 11.62
C GLN A 92 -5.27 -6.53 11.13
N ALA A 93 -5.20 -7.68 10.46
CA ALA A 93 -6.40 -8.33 9.94
C ALA A 93 -6.91 -9.49 10.81
N PHE A 94 -6.34 -9.66 12.00
CA PHE A 94 -6.78 -10.74 12.88
C PHE A 94 -7.91 -10.31 13.81
N ALA A 95 -8.59 -11.30 14.37
CA ALA A 95 -9.67 -11.06 15.32
C ALA A 95 -9.46 -12.10 16.41
N PRO A 96 -8.50 -11.85 17.32
CA PRO A 96 -8.21 -12.79 18.41
C PRO A 96 -9.46 -13.20 19.18
N GLY A 97 -9.81 -14.48 19.06
CA GLY A 97 -10.98 -15.00 19.74
C GLY A 97 -12.30 -14.42 19.26
N GLY A 98 -12.26 -13.74 18.12
CA GLY A 98 -13.48 -13.15 17.59
C GLY A 98 -13.89 -13.72 16.26
N VAL A 99 -14.42 -12.86 15.39
CA VAL A 99 -14.85 -13.29 14.07
C VAL A 99 -14.09 -12.58 12.94
N VAL A 100 -13.51 -13.36 12.04
CA VAL A 100 -12.79 -12.83 10.89
C VAL A 100 -13.68 -13.01 9.66
N VAL A 101 -13.93 -11.91 8.95
CA VAL A 101 -14.76 -11.98 7.74
C VAL A 101 -13.89 -12.23 6.52
N ASN A 102 -14.16 -13.34 5.85
CA ASN A 102 -13.43 -13.71 4.64
C ASN A 102 -14.07 -12.97 3.46
N MET A 103 -13.74 -11.68 3.35
CA MET A 103 -14.27 -10.79 2.32
C MET A 103 -14.30 -11.37 0.91
N ALA A 104 -13.29 -12.16 0.55
CA ALA A 104 -13.24 -12.74 -0.78
C ALA A 104 -14.53 -13.49 -1.14
N SER A 105 -15.25 -13.96 -0.13
CA SER A 105 -16.48 -14.71 -0.38
C SER A 105 -17.57 -13.91 -1.09
N LEU A 106 -17.52 -12.58 -0.96
CA LEU A 106 -18.51 -11.72 -1.60
C LEU A 106 -18.39 -11.78 -3.11
N GLY A 107 -17.25 -12.27 -3.61
CA GLY A 107 -17.06 -12.36 -5.04
C GLY A 107 -17.13 -13.76 -5.61
N ASP A 108 -17.69 -14.71 -4.88
CA ASP A 108 -17.78 -16.07 -5.39
C ASP A 108 -18.78 -16.15 -6.54
N ALA A 109 -20.02 -15.74 -6.37
CA ALA A 109 -21.06 -15.77 -7.39
C ALA A 109 -20.58 -15.16 -8.69
N ALA A 110 -21.11 -15.67 -9.81
CA ALA A 110 -20.72 -15.15 -11.12
C ALA A 110 -21.61 -13.98 -11.51
N ALA A 111 -22.49 -13.60 -10.58
CA ALA A 111 -23.41 -12.49 -10.82
C ALA A 111 -24.19 -12.13 -9.56
N PRO A 112 -24.50 -10.84 -9.38
CA PRO A 112 -24.14 -9.79 -10.33
C PRO A 112 -22.65 -9.46 -10.24
N PRO A 113 -22.09 -8.84 -11.27
CA PRO A 113 -20.66 -8.49 -11.24
C PRO A 113 -20.30 -7.61 -10.05
N ARG A 114 -19.08 -7.79 -9.53
CA ARG A 114 -18.61 -7.03 -8.39
C ARG A 114 -17.78 -5.83 -8.85
N ILE A 115 -17.64 -5.79 -10.17
CA ILE A 115 -16.88 -4.67 -10.75
C ILE A 115 -17.58 -4.13 -11.99
N ASN A 116 -18.09 -2.91 -11.92
CA ASN A 116 -18.78 -2.32 -13.07
C ASN A 116 -18.21 -0.96 -13.49
N VAL A 117 -17.74 -0.88 -14.73
CA VAL A 117 -17.21 0.38 -15.24
C VAL A 117 -18.45 1.21 -15.57
N SER A 118 -18.45 2.50 -15.22
CA SER A 118 -19.60 3.34 -15.48
C SER A 118 -19.85 3.44 -16.98
N ALA A 119 -21.11 3.64 -17.34
CA ALA A 119 -21.48 3.75 -18.75
C ALA A 119 -20.71 4.88 -19.44
N ASP A 120 -20.47 5.97 -18.72
CA ASP A 120 -19.73 7.10 -19.30
C ASP A 120 -18.22 6.93 -19.19
N GLY A 121 -17.78 5.82 -18.63
CA GLY A 121 -16.35 5.56 -18.48
C GLY A 121 -15.55 6.54 -17.65
N ARG A 122 -16.19 7.19 -16.68
CA ARG A 122 -15.50 8.15 -15.84
C ARG A 122 -15.01 7.51 -14.54
N TYR A 123 -15.60 6.38 -14.18
CA TYR A 123 -15.21 5.69 -12.96
C TYR A 123 -15.53 4.20 -13.04
N VAL A 124 -15.12 3.48 -12.00
CA VAL A 124 -15.37 2.04 -11.93
C VAL A 124 -15.79 1.65 -10.52
N ASP A 125 -16.95 1.00 -10.41
CA ASP A 125 -17.45 0.54 -9.12
C ASP A 125 -16.87 -0.83 -8.86
N ALA A 126 -16.29 -1.01 -7.67
CA ALA A 126 -15.71 -2.29 -7.33
C ALA A 126 -16.06 -2.71 -5.92
N GLY A 127 -16.29 -4.01 -5.74
CA GLY A 127 -16.61 -4.53 -4.43
C GLY A 127 -15.38 -4.36 -3.55
N GLY A 128 -15.61 -4.06 -2.27
CA GLY A 128 -14.50 -3.85 -1.35
C GLY A 128 -13.54 -5.02 -1.25
N GLU A 129 -14.02 -6.22 -1.58
CA GLU A 129 -13.21 -7.42 -1.49
C GLU A 129 -12.40 -7.70 -2.75
N GLN A 130 -12.73 -7.04 -3.86
CA GLN A 130 -12.02 -7.27 -5.12
C GLN A 130 -10.56 -6.86 -5.02
N VAL A 131 -9.70 -7.59 -5.74
CA VAL A 131 -8.28 -7.30 -5.76
C VAL A 131 -8.00 -6.38 -6.93
N TRP A 132 -7.11 -5.42 -6.72
CA TRP A 132 -6.80 -4.46 -7.77
C TRP A 132 -6.46 -5.04 -9.13
N ILE A 133 -5.82 -6.21 -9.18
CA ILE A 133 -5.49 -6.81 -10.47
C ILE A 133 -6.77 -7.04 -11.30
N ASP A 134 -7.84 -7.52 -10.67
CA ASP A 134 -9.08 -7.75 -11.41
C ASP A 134 -9.76 -6.44 -11.77
N VAL A 135 -9.60 -5.42 -10.93
CA VAL A 135 -10.18 -4.12 -11.23
C VAL A 135 -9.50 -3.62 -12.51
N LEU A 136 -8.19 -3.81 -12.59
CA LEU A 136 -7.43 -3.41 -13.76
C LEU A 136 -7.97 -4.08 -15.02
N ARG A 137 -8.03 -5.42 -15.01
CA ARG A 137 -8.52 -6.16 -16.17
C ARG A 137 -9.92 -5.74 -16.63
N ALA A 138 -10.86 -5.63 -15.69
CA ALA A 138 -12.23 -5.23 -16.03
C ALA A 138 -12.23 -3.83 -16.64
N SER A 139 -11.39 -2.96 -16.11
CA SER A 139 -11.31 -1.58 -16.61
C SER A 139 -10.73 -1.53 -18.02
N LEU A 140 -9.61 -2.21 -18.23
CA LEU A 140 -8.96 -2.23 -19.53
C LEU A 140 -9.92 -2.78 -20.58
N ALA A 141 -10.74 -3.75 -20.20
CA ALA A 141 -11.70 -4.32 -21.13
C ALA A 141 -12.60 -3.19 -21.64
N ARG A 142 -12.66 -2.09 -20.89
CA ARG A 142 -13.48 -0.94 -21.26
C ARG A 142 -12.64 0.27 -21.66
N GLY A 143 -11.37 0.04 -21.97
CA GLY A 143 -10.50 1.13 -22.37
C GLY A 143 -10.14 2.16 -21.31
N VAL A 144 -10.36 1.83 -20.04
CA VAL A 144 -10.01 2.75 -18.96
C VAL A 144 -9.22 2.04 -17.87
N ALA A 145 -8.80 2.79 -16.85
CA ALA A 145 -8.03 2.21 -15.75
C ALA A 145 -7.82 3.20 -14.63
N PRO A 146 -7.77 2.71 -13.38
CA PRO A 146 -7.56 3.60 -12.23
C PRO A 146 -6.28 4.43 -12.46
N ARG A 147 -6.17 5.56 -11.78
CA ARG A 147 -5.02 6.45 -11.97
C ARG A 147 -3.92 6.32 -10.91
N SER A 148 -4.30 5.84 -9.72
CA SER A 148 -3.36 5.70 -8.62
C SER A 148 -3.33 4.23 -8.23
N TRP A 149 -2.13 3.68 -8.05
CA TRP A 149 -1.99 2.27 -7.72
C TRP A 149 -1.14 1.94 -6.50
N THR A 150 -0.80 0.65 -6.39
CA THR A 150 0.10 0.13 -5.38
C THR A 150 1.09 -0.65 -6.24
N ASP A 151 2.31 -0.83 -5.77
CA ASP A 151 3.31 -1.56 -6.55
C ASP A 151 2.88 -3.01 -6.81
N TYR A 152 2.11 -3.57 -5.87
CA TYR A 152 1.64 -4.96 -5.95
C TYR A 152 0.12 -4.94 -6.11
N LEU A 153 -0.37 -5.59 -7.16
CA LEU A 153 -1.80 -5.60 -7.46
C LEU A 153 -2.69 -6.61 -6.76
N TYR A 154 -2.11 -7.57 -6.05
CA TYR A 154 -2.96 -8.55 -5.39
C TYR A 154 -3.39 -8.18 -3.98
N LEU A 155 -3.96 -6.98 -3.88
CA LEU A 155 -4.45 -6.44 -2.61
C LEU A 155 -5.90 -6.06 -2.90
N THR A 156 -6.74 -5.99 -1.86
CA THR A 156 -8.14 -5.64 -2.10
C THR A 156 -8.38 -4.14 -2.08
N VAL A 157 -9.46 -3.71 -2.70
CA VAL A 157 -9.83 -2.31 -2.76
C VAL A 157 -10.02 -1.77 -1.35
N GLY A 158 -10.85 -2.47 -0.57
CA GLY A 158 -11.11 -2.04 0.79
C GLY A 158 -9.89 -2.06 1.68
N GLY A 159 -8.96 -2.96 1.38
CA GLY A 159 -7.75 -3.04 2.20
C GLY A 159 -6.82 -1.85 1.98
N THR A 160 -6.50 -1.54 0.73
CA THR A 160 -5.59 -0.44 0.46
C THR A 160 -6.24 0.89 0.84
N LEU A 161 -7.56 0.96 0.71
CA LEU A 161 -8.29 2.19 1.04
C LEU A 161 -8.33 2.44 2.55
N SER A 162 -8.16 1.37 3.33
CA SER A 162 -8.17 1.49 4.79
C SER A 162 -6.79 1.97 5.28
N ASN A 163 -5.83 2.03 4.37
CA ASN A 163 -4.48 2.49 4.70
C ASN A 163 -4.19 3.79 3.98
N ALA A 164 -4.02 3.73 2.66
CA ALA A 164 -3.79 4.90 1.84
C ALA A 164 -3.70 4.46 0.38
N GLY A 165 -2.77 3.55 0.11
CA GLY A 165 -2.59 3.04 -1.23
C GLY A 165 -1.67 3.96 -2.03
N ILE A 166 -0.37 3.69 -1.96
CA ILE A 166 0.60 4.51 -2.67
C ILE A 166 1.47 3.75 -3.66
N SER A 167 1.95 4.48 -4.66
CA SER A 167 2.84 3.97 -5.69
C SER A 167 3.41 5.18 -6.41
N GLY A 168 4.08 4.95 -7.52
CA GLY A 168 4.71 6.04 -8.25
C GLY A 168 3.81 7.10 -8.86
N GLN A 169 2.50 6.89 -8.85
CA GLN A 169 1.56 7.84 -9.44
C GLN A 169 1.02 8.82 -8.39
N ALA A 170 1.22 8.49 -7.11
CA ALA A 170 0.70 9.31 -6.04
C ALA A 170 1.18 10.76 -5.97
N PHE A 171 2.36 11.04 -6.51
CA PHE A 171 2.86 12.40 -6.47
C PHE A 171 1.95 13.34 -7.25
N ARG A 172 1.32 12.84 -8.30
CA ARG A 172 0.43 13.69 -9.09
C ARG A 172 -1.07 13.41 -8.94
N HIS A 173 -1.45 12.17 -8.67
CA HIS A 173 -2.87 11.85 -8.51
C HIS A 173 -3.26 11.66 -7.06
N GLY A 174 -2.26 11.71 -6.17
CA GLY A 174 -2.53 11.51 -4.76
C GLY A 174 -2.70 10.03 -4.51
N PRO A 175 -2.73 9.59 -3.24
CA PRO A 175 -2.89 8.15 -2.98
C PRO A 175 -4.26 7.64 -3.44
N GLN A 176 -4.45 6.33 -3.40
CA GLN A 176 -5.72 5.75 -3.82
C GLN A 176 -6.91 6.34 -3.06
N ILE A 177 -6.71 6.72 -1.80
CA ILE A 177 -7.81 7.29 -1.02
C ILE A 177 -8.24 8.68 -1.53
N SER A 178 -7.46 9.26 -2.43
CA SER A 178 -7.80 10.57 -2.99
C SER A 178 -8.46 10.39 -4.35
N ASN A 179 -8.72 9.13 -4.71
CA ASN A 179 -9.34 8.81 -5.99
C ASN A 179 -10.60 7.97 -5.82
N VAL A 180 -11.35 8.26 -4.76
CA VAL A 180 -12.59 7.54 -4.50
C VAL A 180 -13.72 8.58 -4.53
N LEU A 181 -14.72 8.34 -5.37
CA LEU A 181 -15.85 9.26 -5.49
C LEU A 181 -16.87 9.03 -4.37
N GLU A 182 -17.12 7.77 -4.06
CA GLU A 182 -18.04 7.42 -3.00
C GLU A 182 -17.87 5.96 -2.63
N MET A 183 -18.48 5.55 -1.52
CA MET A 183 -18.41 4.17 -1.07
C MET A 183 -19.68 3.74 -0.36
N ASP A 184 -19.82 2.42 -0.24
CA ASP A 184 -20.93 1.83 0.50
C ASP A 184 -20.21 1.26 1.71
N VAL A 185 -20.65 1.65 2.90
CA VAL A 185 -20.02 1.19 4.12
C VAL A 185 -21.07 0.69 5.10
N ILE A 186 -20.76 -0.41 5.80
CA ILE A 186 -21.64 -0.95 6.81
C ILE A 186 -20.95 -0.65 8.14
N THR A 187 -21.54 0.24 8.93
CA THR A 187 -20.96 0.63 10.21
C THR A 187 -21.04 -0.42 11.31
N GLY A 188 -20.37 -0.13 12.43
CA GLY A 188 -20.38 -1.03 13.57
C GLY A 188 -21.78 -1.21 14.13
N HIS A 189 -22.69 -0.31 13.75
CA HIS A 189 -24.08 -0.38 14.20
C HIS A 189 -24.83 -1.35 13.29
N GLY A 190 -24.21 -1.69 12.17
CA GLY A 190 -24.83 -2.62 11.24
C GLY A 190 -25.66 -1.94 10.16
N GLU A 191 -25.49 -0.63 10.01
CA GLU A 191 -26.23 0.13 9.01
C GLU A 191 -25.47 0.30 7.69
N MET A 192 -26.16 0.02 6.59
CA MET A 192 -25.57 0.17 5.26
C MET A 192 -25.69 1.65 4.89
N VAL A 193 -24.56 2.32 4.77
CA VAL A 193 -24.54 3.74 4.45
C VAL A 193 -23.68 4.08 3.25
N THR A 194 -24.24 4.86 2.32
CA THR A 194 -23.49 5.30 1.15
C THR A 194 -22.91 6.65 1.56
N CYS A 195 -21.63 6.86 1.28
CA CYS A 195 -21.00 8.12 1.66
C CYS A 195 -20.09 8.71 0.60
N SER A 196 -19.85 10.01 0.73
CA SER A 196 -19.01 10.76 -0.19
C SER A 196 -18.79 12.14 0.42
N LYS A 197 -18.21 13.05 -0.34
CA LYS A 197 -17.97 14.40 0.16
C LYS A 197 -19.30 15.13 0.36
N GLN A 198 -20.30 14.72 -0.41
CA GLN A 198 -21.63 15.33 -0.34
C GLN A 198 -22.56 14.63 0.66
N LEU A 199 -22.46 13.31 0.73
CA LEU A 199 -23.33 12.53 1.62
C LEU A 199 -22.56 11.77 2.69
N ASN A 200 -22.93 11.99 3.95
CA ASN A 200 -22.28 11.33 5.07
C ASN A 200 -20.77 11.47 4.92
N ALA A 201 -20.34 12.71 4.73
CA ALA A 201 -18.94 13.05 4.54
C ALA A 201 -18.07 12.67 5.73
N ASP A 202 -18.63 12.69 6.94
CA ASP A 202 -17.86 12.35 8.13
C ASP A 202 -17.42 10.89 8.10
N LEU A 203 -18.31 10.01 7.62
CA LEU A 203 -17.99 8.58 7.54
C LEU A 203 -16.99 8.37 6.40
N PHE A 204 -17.22 9.07 5.30
CA PHE A 204 -16.38 8.99 4.11
C PHE A 204 -14.92 9.30 4.46
N ASP A 205 -14.69 10.43 5.12
CA ASP A 205 -13.35 10.83 5.51
C ASP A 205 -12.72 9.88 6.52
N ALA A 206 -13.52 9.47 7.50
CA ALA A 206 -13.03 8.56 8.55
C ALA A 206 -12.55 7.22 8.02
N VAL A 207 -13.32 6.62 7.12
CA VAL A 207 -12.98 5.31 6.57
C VAL A 207 -11.72 5.27 5.70
N LEU A 208 -11.51 6.29 4.87
CA LEU A 208 -10.33 6.36 4.02
C LEU A 208 -9.08 6.54 4.88
N GLY A 209 -8.27 5.49 4.93
CA GLY A 209 -7.08 5.52 5.75
C GLY A 209 -7.52 5.24 7.18
N GLY A 210 -8.77 4.80 7.31
CA GLY A 210 -9.35 4.49 8.62
C GLY A 210 -8.94 3.20 9.29
N LEU A 211 -8.11 2.39 8.63
CA LEU A 211 -7.62 1.15 9.22
C LEU A 211 -8.73 0.21 9.72
N GLY A 212 -9.82 0.13 8.98
CA GLY A 212 -10.95 -0.73 9.32
C GLY A 212 -11.57 -0.55 10.70
N GLN A 213 -11.56 0.68 11.21
CA GLN A 213 -12.09 0.95 12.53
C GLN A 213 -13.56 1.39 12.62
N PHE A 214 -14.11 1.87 11.51
CA PHE A 214 -15.47 2.38 11.51
C PHE A 214 -16.54 1.56 10.78
N GLY A 215 -16.09 0.60 9.97
CA GLY A 215 -17.02 -0.21 9.22
C GLY A 215 -16.33 -0.89 8.07
N VAL A 216 -17.05 -1.74 7.35
CA VAL A 216 -16.47 -2.44 6.21
C VAL A 216 -16.91 -1.83 4.89
N ILE A 217 -15.95 -1.60 4.00
CA ILE A 217 -16.22 -1.04 2.69
C ILE A 217 -16.70 -2.17 1.77
N THR A 218 -17.95 -2.09 1.31
CA THR A 218 -18.47 -3.12 0.43
C THR A 218 -18.42 -2.70 -1.02
N ARG A 219 -18.27 -1.39 -1.25
CA ARG A 219 -18.19 -0.86 -2.60
C ARG A 219 -17.42 0.46 -2.63
N ALA A 220 -16.55 0.60 -3.62
CA ALA A 220 -15.80 1.83 -3.78
C ALA A 220 -15.90 2.28 -5.22
N ARG A 221 -16.28 3.53 -5.42
CA ARG A 221 -16.39 4.10 -6.75
C ARG A 221 -15.03 4.72 -7.00
N ILE A 222 -14.26 4.09 -7.88
CA ILE A 222 -12.91 4.52 -8.18
C ILE A 222 -12.79 5.33 -9.47
N ALA A 223 -12.07 6.43 -9.39
CA ALA A 223 -11.86 7.30 -10.54
C ALA A 223 -10.96 6.59 -11.56
N VAL A 224 -11.21 6.82 -12.84
CA VAL A 224 -10.37 6.21 -13.86
C VAL A 224 -10.00 7.25 -14.91
N GLU A 225 -9.14 6.86 -15.84
CA GLU A 225 -8.69 7.73 -16.92
C GLU A 225 -8.58 6.86 -18.16
N PRO A 226 -8.55 7.46 -19.36
CA PRO A 226 -8.43 6.61 -20.55
C PRO A 226 -7.18 5.74 -20.39
N ALA A 227 -7.33 4.45 -20.63
CA ALA A 227 -6.22 3.52 -20.48
C ALA A 227 -5.09 3.69 -21.48
N PRO A 228 -3.86 3.93 -21.00
CA PRO A 228 -2.75 4.08 -21.94
C PRO A 228 -2.43 2.68 -22.45
N ALA A 229 -1.74 2.58 -23.59
CA ALA A 229 -1.42 1.28 -24.16
C ALA A 229 -0.04 0.77 -23.74
N ARG A 230 0.91 1.69 -23.62
CA ARG A 230 2.27 1.31 -23.25
C ARG A 230 2.93 2.28 -22.28
N ALA A 231 4.05 1.85 -21.72
CA ALA A 231 4.78 2.68 -20.79
C ALA A 231 6.27 2.65 -21.13
N ARG A 232 6.85 3.82 -21.40
CA ARG A 232 8.29 3.88 -21.65
C ARG A 232 8.81 3.87 -20.23
N TRP A 233 9.54 2.81 -19.91
CA TRP A 233 10.05 2.55 -18.57
C TRP A 233 11.56 2.84 -18.48
N VAL A 234 11.95 3.75 -17.60
CA VAL A 234 13.35 4.11 -17.47
C VAL A 234 13.94 4.09 -16.06
N ARG A 235 15.25 3.85 -15.99
CA ARG A 235 15.99 3.85 -14.74
C ARG A 235 17.24 4.71 -14.91
N LEU A 236 17.45 5.63 -13.97
CA LEU A 236 18.61 6.51 -13.99
C LEU A 236 19.46 6.20 -12.75
N VAL A 237 20.77 6.14 -12.92
CA VAL A 237 21.67 5.82 -11.80
C VAL A 237 22.45 7.01 -11.26
N TYR A 238 22.60 7.04 -9.93
CA TYR A 238 23.32 8.09 -9.22
C TYR A 238 24.20 7.45 -8.15
N THR A 239 25.27 8.15 -7.76
CA THR A 239 26.13 7.68 -6.68
C THR A 239 26.09 8.78 -5.63
N ASP A 240 25.46 9.90 -6.00
CA ASP A 240 25.31 11.06 -5.12
C ASP A 240 23.84 11.22 -4.69
N PHE A 241 23.56 11.01 -3.42
CA PHE A 241 22.19 11.12 -2.91
C PHE A 241 21.56 12.49 -3.17
N ALA A 242 22.35 13.55 -3.04
CA ALA A 242 21.84 14.91 -3.25
C ALA A 242 21.28 15.07 -4.65
N ALA A 243 22.02 14.61 -5.67
CA ALA A 243 21.56 14.74 -7.04
C ALA A 243 20.33 13.84 -7.24
N PHE A 244 20.37 12.65 -6.66
CA PHE A 244 19.28 11.70 -6.74
C PHE A 244 17.96 12.31 -6.24
N SER A 245 17.96 12.79 -4.99
CA SER A 245 16.74 13.37 -4.43
C SER A 245 16.31 14.66 -5.11
N ALA A 246 17.28 15.47 -5.53
CA ALA A 246 16.97 16.71 -6.22
C ALA A 246 16.23 16.41 -7.53
N ASP A 247 16.69 15.40 -8.26
CA ASP A 247 16.02 15.04 -9.50
C ASP A 247 14.63 14.43 -9.30
N GLN A 248 14.44 13.67 -8.21
CA GLN A 248 13.11 13.09 -7.95
C GLN A 248 12.15 14.24 -7.65
N GLU A 249 12.63 15.21 -6.89
CA GLU A 249 11.81 16.36 -6.55
C GLU A 249 11.52 17.20 -7.80
N ARG A 250 12.48 17.25 -8.72
CA ARG A 250 12.30 18.00 -9.96
C ARG A 250 11.22 17.34 -10.81
N LEU A 251 11.29 16.01 -10.93
CA LEU A 251 10.34 15.25 -11.74
C LEU A 251 8.92 15.20 -11.18
N THR A 252 8.78 15.45 -9.88
CA THR A 252 7.46 15.41 -9.26
C THR A 252 6.96 16.76 -8.77
N ALA A 253 7.71 17.81 -9.05
CA ALA A 253 7.33 19.16 -8.63
C ALA A 253 6.08 19.68 -9.33
N PRO A 254 5.22 20.39 -8.59
CA PRO A 254 3.98 20.97 -9.14
C PRO A 254 4.33 22.05 -10.17
N ARG A 255 3.62 22.06 -11.28
CA ARG A 255 3.85 23.05 -12.34
C ARG A 255 3.13 24.35 -12.04
N SER A 262 -1.02 20.76 -11.75
CA SER A 262 -0.24 20.51 -12.95
C SER A 262 1.12 19.90 -12.61
N PHE A 263 1.46 18.80 -13.27
CA PHE A 263 2.72 18.14 -13.01
C PHE A 263 3.46 17.85 -14.31
N GLY A 264 4.75 17.57 -14.21
CA GLY A 264 5.55 17.28 -15.38
C GLY A 264 4.99 16.18 -16.27
N PRO A 265 5.79 15.66 -17.20
CA PRO A 265 5.38 14.60 -18.13
C PRO A 265 5.26 13.21 -17.51
N MET A 266 6.20 12.87 -16.63
CA MET A 266 6.25 11.55 -15.99
C MET A 266 4.95 11.07 -15.36
N SER A 267 4.58 9.84 -15.68
CA SER A 267 3.38 9.21 -15.16
C SER A 267 3.65 8.48 -13.85
N TYR A 268 4.92 8.18 -13.61
CA TYR A 268 5.33 7.40 -12.44
C TYR A 268 6.75 7.72 -12.04
N VAL A 269 6.98 7.86 -10.74
CA VAL A 269 8.31 8.16 -10.24
C VAL A 269 8.56 7.49 -8.89
N GLU A 270 9.55 6.59 -8.84
CA GLU A 270 9.94 5.92 -7.61
C GLU A 270 11.47 5.95 -7.58
N GLY A 271 12.06 5.32 -6.57
CA GLY A 271 13.51 5.30 -6.48
C GLY A 271 14.00 4.09 -5.71
N SER A 272 15.27 3.75 -5.87
CA SER A 272 15.83 2.58 -5.18
C SER A 272 17.18 2.88 -4.57
N VAL A 273 17.47 2.22 -3.46
CA VAL A 273 18.76 2.39 -2.80
C VAL A 273 19.45 1.03 -2.83
N PHE A 274 20.69 1.01 -3.30
CA PHE A 274 21.45 -0.24 -3.37
C PHE A 274 22.71 -0.12 -2.52
N VAL A 275 22.84 -0.96 -1.49
CA VAL A 275 24.04 -0.91 -0.66
C VAL A 275 25.17 -1.59 -1.43
N ASN A 276 26.37 -1.05 -1.30
CA ASN A 276 27.52 -1.59 -2.02
C ASN A 276 27.83 -3.06 -1.83
N GLN A 277 27.66 -3.57 -0.61
CA GLN A 277 27.97 -4.97 -0.32
C GLN A 277 27.35 -6.00 -1.25
N SER A 278 26.09 -5.81 -1.62
CA SER A 278 25.40 -6.75 -2.50
C SER A 278 24.93 -6.07 -3.78
N LEU A 279 25.67 -5.05 -4.22
CA LEU A 279 25.32 -4.30 -5.41
C LEU A 279 25.03 -5.13 -6.66
N ALA A 280 26.00 -5.93 -7.08
CA ALA A 280 25.84 -6.75 -8.29
C ALA A 280 24.59 -7.65 -8.25
N THR A 281 24.41 -8.35 -7.14
CA THR A 281 23.26 -9.24 -6.99
C THR A 281 21.95 -8.46 -6.94
N ASP A 282 21.91 -7.37 -6.18
CA ASP A 282 20.67 -6.59 -6.11
C ASP A 282 20.30 -5.94 -7.43
N LEU A 283 21.30 -5.50 -8.19
CA LEU A 283 21.05 -4.89 -9.49
C LEU A 283 20.51 -5.95 -10.43
N ALA A 284 21.15 -7.12 -10.40
CA ALA A 284 20.74 -8.22 -11.25
C ALA A 284 19.33 -8.67 -10.88
N ASN A 285 19.02 -8.64 -9.59
CA ASN A 285 17.69 -9.06 -9.15
C ASN A 285 16.58 -8.04 -9.35
N THR A 286 16.86 -6.93 -10.01
CA THR A 286 15.81 -5.93 -10.25
C THR A 286 14.95 -6.43 -11.40
N GLY A 287 15.52 -7.29 -12.24
CA GLY A 287 14.80 -7.79 -13.40
C GLY A 287 14.73 -6.70 -14.46
N PHE A 288 15.40 -5.59 -14.21
CA PHE A 288 15.41 -4.47 -15.17
C PHE A 288 16.74 -4.37 -15.92
N PHE A 289 17.84 -4.45 -15.18
CA PHE A 289 19.17 -4.34 -15.75
C PHE A 289 19.71 -5.62 -16.37
N THR A 290 20.48 -5.48 -17.45
CA THR A 290 21.10 -6.61 -18.13
C THR A 290 22.45 -6.84 -17.42
N ASP A 291 23.08 -7.99 -17.64
CA ASP A 291 24.36 -8.23 -16.98
C ASP A 291 25.40 -7.20 -17.44
N ALA A 292 25.23 -6.68 -18.64
CA ALA A 292 26.14 -5.66 -19.15
C ALA A 292 25.92 -4.36 -18.35
N ASP A 293 24.66 -4.02 -18.12
CA ASP A 293 24.33 -2.81 -17.36
C ASP A 293 24.92 -2.94 -15.96
N VAL A 294 24.75 -4.12 -15.36
CA VAL A 294 25.25 -4.40 -14.02
C VAL A 294 26.75 -4.18 -13.90
N ALA A 295 27.51 -4.67 -14.86
CA ALA A 295 28.95 -4.51 -14.85
C ALA A 295 29.33 -3.03 -14.85
N ARG A 296 28.64 -2.24 -15.67
CA ARG A 296 28.92 -0.82 -15.74
C ARG A 296 28.65 -0.09 -14.43
N ILE A 297 27.50 -0.36 -13.83
CA ILE A 297 27.12 0.28 -12.57
C ILE A 297 28.08 -0.14 -11.46
N VAL A 298 28.45 -1.43 -11.44
CA VAL A 298 29.38 -1.90 -10.43
C VAL A 298 30.70 -1.17 -10.59
N ALA A 299 31.12 -0.96 -11.84
CA ALA A 299 32.37 -0.25 -12.10
C ALA A 299 32.23 1.20 -11.65
N LEU A 300 31.10 1.83 -11.99
CA LEU A 300 30.87 3.21 -11.58
C LEU A 300 31.04 3.37 -10.06
N ALA A 301 30.38 2.47 -9.29
CA ALA A 301 30.45 2.51 -7.84
C ALA A 301 31.89 2.47 -7.34
N GLY A 302 32.69 1.57 -7.89
CA GLY A 302 34.09 1.47 -7.49
C GLY A 302 34.86 2.74 -7.82
N GLU A 303 34.55 3.34 -8.97
CA GLU A 303 35.22 4.57 -9.38
C GLU A 303 34.90 5.71 -8.42
N ARG A 304 33.64 5.84 -8.03
CA ARG A 304 33.25 6.89 -7.11
C ARG A 304 33.49 6.48 -5.65
N ASN A 305 33.87 5.23 -5.43
CA ASN A 305 34.11 4.72 -4.08
C ASN A 305 32.84 4.89 -3.21
N ALA A 306 31.69 4.63 -3.82
CA ALA A 306 30.41 4.76 -3.14
C ALA A 306 30.00 3.53 -2.31
N THR A 307 29.44 3.78 -1.14
CA THR A 307 28.96 2.70 -0.27
C THR A 307 27.50 2.45 -0.61
N THR A 308 26.92 3.36 -1.40
CA THR A 308 25.54 3.25 -1.82
C THR A 308 25.38 3.76 -3.23
N VAL A 309 24.41 3.18 -3.94
CA VAL A 309 24.08 3.59 -5.30
C VAL A 309 22.58 3.85 -5.30
N TYR A 310 22.15 4.87 -6.05
CA TYR A 310 20.75 5.23 -6.12
C TYR A 310 20.25 5.17 -7.56
N SER A 311 18.98 4.80 -7.72
CA SER A 311 18.39 4.72 -9.03
C SER A 311 16.96 5.26 -9.06
N ILE A 312 16.70 6.20 -9.96
CA ILE A 312 15.35 6.73 -10.11
C ILE A 312 14.67 5.82 -11.10
N GLU A 313 13.40 5.50 -10.84
CA GLU A 313 12.63 4.66 -11.74
C GLU A 313 11.41 5.48 -12.16
N ALA A 314 11.26 5.71 -13.46
CA ALA A 314 10.15 6.50 -13.95
C ALA A 314 9.58 5.96 -15.26
N THR A 315 8.35 6.35 -15.58
CA THR A 315 7.72 5.91 -16.82
C THR A 315 6.96 7.05 -17.50
N LEU A 316 6.66 6.84 -18.78
CA LEU A 316 5.90 7.79 -19.56
C LEU A 316 4.86 6.95 -20.28
N ASN A 317 3.59 7.06 -19.84
CA ASN A 317 2.51 6.31 -20.46
C ASN A 317 2.10 6.97 -21.76
N TYR A 318 1.77 6.14 -22.76
CA TYR A 318 1.34 6.64 -24.05
C TYR A 318 0.50 5.55 -24.73
N ASP A 319 -0.20 5.90 -25.81
CA ASP A 319 -1.02 4.91 -26.49
C ASP A 319 -0.49 4.42 -27.83
N ASN A 320 -1.30 3.62 -28.51
CA ASN A 320 -0.91 3.04 -29.78
C ASN A 320 -0.85 4.00 -30.96
N ALA A 321 -1.13 5.28 -30.74
CA ALA A 321 -1.09 6.24 -31.85
C ALA A 321 0.16 5.99 -32.69
N THR A 322 0.04 6.15 -33.99
CA THR A 322 1.15 5.92 -34.89
C THR A 322 2.37 6.80 -34.62
N ALA A 323 2.14 7.99 -34.08
CA ALA A 323 3.24 8.92 -33.79
C ALA A 323 3.72 8.86 -32.34
N ALA A 324 2.96 8.16 -31.49
CA ALA A 324 3.28 8.04 -30.08
C ALA A 324 4.76 7.74 -29.80
N ALA A 325 5.22 6.57 -30.22
CA ALA A 325 6.60 6.15 -30.01
C ALA A 325 7.65 7.25 -30.20
N ALA A 326 7.58 7.95 -31.33
CA ALA A 326 8.52 9.03 -31.62
C ALA A 326 8.28 10.25 -30.73
N ALA A 327 7.02 10.51 -30.42
CA ALA A 327 6.67 11.64 -29.58
C ALA A 327 7.21 11.41 -28.16
N VAL A 328 7.14 10.17 -27.70
CA VAL A 328 7.61 9.81 -26.38
C VAL A 328 9.14 9.99 -26.31
N ASP A 329 9.81 9.62 -27.40
CA ASP A 329 11.26 9.74 -27.45
C ASP A 329 11.68 11.19 -27.23
N GLN A 330 11.09 12.10 -27.99
CA GLN A 330 11.42 13.52 -27.85
C GLN A 330 11.10 14.00 -26.45
N GLU A 331 9.93 13.62 -25.96
CA GLU A 331 9.50 14.02 -24.62
C GLU A 331 10.52 13.54 -23.60
N LEU A 332 10.82 12.25 -23.64
CA LEU A 332 11.77 11.65 -22.73
C LEU A 332 13.12 12.36 -22.80
N ALA A 333 13.60 12.59 -24.02
CA ALA A 333 14.88 13.28 -24.21
C ALA A 333 14.87 14.64 -23.52
N SER A 334 13.78 15.39 -23.67
CA SER A 334 13.70 16.70 -23.03
C SER A 334 13.86 16.58 -21.53
N VAL A 335 13.04 15.74 -20.90
CA VAL A 335 13.10 15.56 -19.47
C VAL A 335 14.50 15.15 -19.00
N LEU A 336 15.03 14.08 -19.57
CA LEU A 336 16.35 13.61 -19.19
C LEU A 336 17.38 14.72 -19.29
N GLY A 337 17.20 15.62 -20.26
CA GLY A 337 18.14 16.70 -20.42
C GLY A 337 18.19 17.63 -19.21
N THR A 338 17.13 17.63 -18.42
CA THR A 338 17.06 18.50 -17.25
C THR A 338 17.59 17.84 -15.97
N LEU A 339 17.93 16.57 -16.04
CA LEU A 339 18.39 15.84 -14.85
C LEU A 339 19.91 15.76 -14.67
N SER A 340 20.33 15.15 -13.57
CA SER A 340 21.76 15.05 -13.26
C SER A 340 22.31 13.66 -12.93
N TYR A 341 21.76 12.62 -13.55
CA TYR A 341 22.26 11.27 -13.29
C TYR A 341 23.64 11.16 -13.95
N VAL A 342 24.38 10.13 -13.61
CA VAL A 342 25.71 9.99 -14.20
C VAL A 342 25.61 9.85 -15.72
N GLU A 343 26.42 10.65 -16.42
CA GLU A 343 26.43 10.65 -17.88
C GLU A 343 26.44 9.24 -18.45
N GLY A 344 25.46 8.96 -19.31
CA GLY A 344 25.38 7.65 -19.94
C GLY A 344 24.66 6.58 -19.14
N PHE A 345 24.22 6.92 -17.92
CA PHE A 345 23.54 5.93 -17.10
C PHE A 345 22.01 6.02 -17.08
N ALA A 346 21.44 6.15 -18.27
CA ALA A 346 19.99 6.17 -18.44
C ALA A 346 19.70 4.81 -19.11
N PHE A 347 18.76 4.04 -18.54
CA PHE A 347 18.43 2.72 -19.07
C PHE A 347 16.93 2.62 -19.40
N GLN A 348 16.62 2.26 -20.65
CA GLN A 348 15.24 2.19 -21.10
C GLN A 348 14.68 0.83 -21.49
N ARG A 349 13.38 0.69 -21.30
CA ARG A 349 12.63 -0.51 -21.63
C ARG A 349 11.27 0.03 -22.08
N ASP A 350 10.54 -0.75 -22.89
CA ASP A 350 9.23 -0.33 -23.37
C ASP A 350 8.31 -1.53 -23.26
N VAL A 351 7.24 -1.40 -22.49
CA VAL A 351 6.32 -2.53 -22.32
C VAL A 351 4.87 -2.09 -22.36
N ALA A 352 3.98 -3.07 -22.39
CA ALA A 352 2.55 -2.82 -22.39
C ALA A 352 2.21 -2.32 -20.99
N TYR A 353 1.25 -1.41 -20.90
CA TYR A 353 0.85 -0.82 -19.62
C TYR A 353 0.54 -1.85 -18.55
N ALA A 354 -0.29 -2.84 -18.88
CA ALA A 354 -0.66 -3.86 -17.92
C ALA A 354 0.55 -4.66 -17.44
N ALA A 355 1.51 -4.88 -18.34
CA ALA A 355 2.70 -5.63 -17.96
C ALA A 355 3.48 -4.85 -16.89
N PHE A 356 3.60 -3.54 -17.09
CA PHE A 356 4.31 -2.70 -16.12
C PHE A 356 3.58 -2.74 -14.77
N LEU A 357 2.28 -2.48 -14.79
CA LEU A 357 1.49 -2.45 -13.58
C LEU A 357 1.56 -3.74 -12.76
N ASP A 358 1.61 -4.87 -13.44
CA ASP A 358 1.65 -6.16 -12.76
C ASP A 358 3.07 -6.73 -12.67
N ARG A 359 4.06 -5.85 -12.85
CA ARG A 359 5.48 -6.21 -12.83
C ARG A 359 5.96 -7.02 -11.61
N VAL A 360 5.43 -6.74 -10.42
CA VAL A 360 5.87 -7.44 -9.21
C VAL A 360 5.43 -8.90 -9.12
N HIS A 361 4.34 -9.25 -9.81
CA HIS A 361 3.84 -10.62 -9.77
C HIS A 361 4.90 -11.66 -10.11
N GLY A 362 5.69 -11.39 -11.13
CA GLY A 362 6.74 -12.32 -11.53
C GLY A 362 7.73 -12.57 -10.41
N GLU A 363 8.00 -11.53 -9.63
CA GLU A 363 8.93 -11.64 -8.52
C GLU A 363 8.33 -12.53 -7.43
N GLU A 364 7.01 -12.49 -7.28
CA GLU A 364 6.34 -13.29 -6.27
C GLU A 364 6.46 -14.76 -6.61
N VAL A 365 6.13 -15.10 -7.86
CA VAL A 365 6.20 -16.47 -8.34
C VAL A 365 7.60 -17.04 -8.10
N ALA A 366 8.62 -16.31 -8.55
CA ALA A 366 10.01 -16.73 -8.40
C ALA A 366 10.37 -16.97 -6.94
N LEU A 367 10.10 -15.99 -6.08
CA LEU A 367 10.40 -16.09 -4.66
C LEU A 367 9.68 -17.27 -3.98
N ASN A 368 8.45 -17.53 -4.40
CA ASN A 368 7.69 -18.62 -3.80
C ASN A 368 8.29 -19.98 -4.14
N LYS A 369 8.69 -20.15 -5.40
CA LYS A 369 9.30 -21.41 -5.84
C LYS A 369 10.55 -21.68 -5.00
N LEU A 370 11.28 -20.62 -4.70
CA LEU A 370 12.49 -20.72 -3.88
C LEU A 370 12.12 -20.85 -2.41
N GLY A 371 10.81 -20.83 -2.14
CA GLY A 371 10.34 -20.93 -0.77
C GLY A 371 10.77 -19.68 -0.01
N LEU A 372 10.99 -18.60 -0.74
CA LEU A 372 11.42 -17.33 -0.15
C LEU A 372 10.33 -16.27 -0.16
N TRP A 373 9.08 -16.70 -0.24
CA TRP A 373 7.96 -15.77 -0.24
C TRP A 373 7.22 -15.88 1.08
N ARG A 374 6.93 -17.11 1.48
CA ARG A 374 6.22 -17.35 2.73
C ARG A 374 7.24 -17.41 3.89
N VAL A 375 7.88 -16.27 4.12
CA VAL A 375 8.87 -16.13 5.17
C VAL A 375 8.53 -14.86 5.93
N PRO A 376 9.16 -14.61 7.09
CA PRO A 376 8.84 -13.40 7.85
C PRO A 376 9.20 -12.12 7.07
N HIS A 377 8.33 -11.13 7.13
CA HIS A 377 8.57 -9.86 6.46
C HIS A 377 8.57 -8.71 7.46
N PRO A 378 9.71 -8.45 8.11
CA PRO A 378 9.80 -7.36 9.08
C PRO A 378 10.02 -6.04 8.33
N TRP A 379 9.01 -5.65 7.55
CA TRP A 379 9.08 -4.43 6.76
C TRP A 379 9.02 -3.14 7.57
N LEU A 380 9.76 -2.14 7.12
CA LEU A 380 9.75 -0.84 7.76
C LEU A 380 9.26 0.16 6.71
N ASN A 381 8.10 0.74 6.96
CA ASN A 381 7.52 1.69 6.02
C ASN A 381 7.22 2.99 6.72
N MET A 382 7.61 4.11 6.12
CA MET A 382 7.35 5.39 6.74
C MET A 382 7.38 6.56 5.78
N PHE A 383 6.89 7.70 6.25
CA PHE A 383 6.87 8.92 5.47
C PHE A 383 7.85 9.83 6.19
N VAL A 384 8.85 10.29 5.46
CA VAL A 384 9.89 11.14 6.02
C VAL A 384 9.87 12.51 5.37
N PRO A 385 9.75 13.58 6.18
CA PRO A 385 9.73 14.92 5.62
C PRO A 385 10.98 15.19 4.78
N ARG A 386 10.79 15.84 3.65
CA ARG A 386 11.89 16.16 2.75
C ARG A 386 13.07 16.84 3.44
N SER A 387 12.78 17.76 4.36
CA SER A 387 13.84 18.49 5.03
C SER A 387 14.83 17.61 5.79
N ARG A 388 14.43 16.36 6.05
CA ARG A 388 15.31 15.44 6.77
C ARG A 388 15.66 14.17 6.01
N ILE A 389 15.30 14.08 4.73
CA ILE A 389 15.60 12.87 3.97
C ILE A 389 17.11 12.65 3.82
N ALA A 390 17.87 13.74 3.74
CA ALA A 390 19.33 13.62 3.59
C ALA A 390 19.93 13.04 4.87
N ASP A 391 19.40 13.45 6.02
CA ASP A 391 19.88 12.92 7.30
C ASP A 391 19.51 11.45 7.40
N PHE A 392 18.31 11.11 6.92
CA PHE A 392 17.86 9.72 6.94
C PHE A 392 18.86 8.91 6.12
N ASP A 393 19.19 9.40 4.93
CA ASP A 393 20.14 8.72 4.06
C ASP A 393 21.46 8.46 4.78
N ARG A 394 21.99 9.49 5.44
CA ARG A 394 23.25 9.36 6.17
C ARG A 394 23.17 8.39 7.34
N GLY A 395 22.11 8.52 8.13
CA GLY A 395 21.98 7.66 9.29
C GLY A 395 21.57 6.23 9.01
N VAL A 396 20.85 5.99 7.92
CA VAL A 396 20.36 4.65 7.61
C VAL A 396 21.04 3.94 6.44
N PHE A 397 20.91 4.50 5.24
CA PHE A 397 21.50 3.88 4.04
C PHE A 397 23.04 3.84 4.07
N LYS A 398 23.65 4.91 4.57
CA LYS A 398 25.10 4.98 4.65
C LYS A 398 25.59 4.66 6.07
N GLY A 399 24.65 4.35 6.97
CA GLY A 399 25.04 4.05 8.34
C GLY A 399 24.60 2.69 8.85
N ILE A 400 23.47 2.68 9.56
CA ILE A 400 22.92 1.47 10.14
C ILE A 400 22.90 0.25 9.20
N LEU A 401 22.46 0.45 7.96
CA LEU A 401 22.37 -0.65 7.00
C LEU A 401 23.70 -1.15 6.45
N GLN A 402 24.74 -0.32 6.51
CA GLN A 402 26.05 -0.72 6.01
C GLN A 402 26.60 -1.91 6.78
N GLY A 403 27.27 -2.82 6.07
CA GLY A 403 27.85 -3.99 6.72
C GLY A 403 26.91 -5.14 6.97
N THR A 404 25.70 -5.07 6.41
CA THR A 404 24.73 -6.15 6.60
C THR A 404 24.29 -6.73 5.26
N ASP A 405 23.85 -7.98 5.26
CA ASP A 405 23.37 -8.61 4.03
C ASP A 405 21.90 -8.24 3.91
N ILE A 406 21.57 -7.49 2.88
CA ILE A 406 20.20 -7.07 2.67
C ILE A 406 19.48 -7.89 1.62
N VAL A 407 18.29 -8.35 1.99
CA VAL A 407 17.46 -9.14 1.10
C VAL A 407 16.09 -8.45 1.05
N GLY A 408 15.82 -7.80 -0.07
CA GLY A 408 14.57 -7.09 -0.23
C GLY A 408 14.90 -5.72 -0.78
N PRO A 409 13.97 -5.09 -1.51
CA PRO A 409 14.30 -3.76 -2.04
C PRO A 409 14.15 -2.63 -1.02
N LEU A 410 14.90 -1.57 -1.23
CA LEU A 410 14.87 -0.38 -0.39
C LEU A 410 14.30 0.72 -1.30
N ILE A 411 13.03 1.05 -1.10
CA ILE A 411 12.31 2.01 -1.94
C ILE A 411 12.21 3.40 -1.32
N VAL A 412 12.56 4.41 -2.10
CA VAL A 412 12.52 5.80 -1.65
C VAL A 412 12.03 6.74 -2.76
N TYR A 413 11.02 7.55 -2.46
CA TYR A 413 10.50 8.51 -3.45
C TYR A 413 9.61 9.57 -2.81
N PRO A 414 9.64 10.79 -3.35
CA PRO A 414 8.84 11.90 -2.83
C PRO A 414 7.35 11.90 -3.18
N LEU A 415 6.57 12.55 -2.31
CA LEU A 415 5.14 12.67 -2.47
C LEU A 415 4.76 14.12 -2.20
N ASN A 416 3.70 14.59 -2.84
CA ASN A 416 3.24 15.96 -2.65
C ASN A 416 2.02 15.99 -1.72
N LYS A 417 2.21 16.62 -0.56
CA LYS A 417 1.16 16.69 0.45
C LYS A 417 -0.13 17.29 -0.11
N SER A 418 -0.01 18.18 -1.08
CA SER A 418 -1.17 18.82 -1.67
C SER A 418 -2.18 17.84 -2.24
N MET A 419 -1.71 16.65 -2.63
CA MET A 419 -2.60 15.65 -3.19
C MET A 419 -3.15 14.69 -2.14
N TRP A 420 -2.93 15.02 -0.88
CA TRP A 420 -3.44 14.23 0.24
C TRP A 420 -4.48 15.06 0.96
N ASP A 421 -5.61 14.43 1.32
CA ASP A 421 -6.67 15.14 2.03
C ASP A 421 -6.51 14.91 3.54
N ASP A 422 -5.93 15.88 4.24
CA ASP A 422 -5.70 15.72 5.67
C ASP A 422 -6.97 15.54 6.49
N GLY A 423 -8.12 15.75 5.87
CA GLY A 423 -9.37 15.56 6.57
C GLY A 423 -9.62 14.07 6.73
N MET A 424 -9.00 13.27 5.88
CA MET A 424 -9.15 11.82 5.95
C MET A 424 -8.33 11.30 7.13
N SER A 425 -8.54 10.05 7.51
CA SER A 425 -7.84 9.45 8.63
C SER A 425 -6.34 9.22 8.42
N ALA A 426 -5.93 8.91 7.19
CA ALA A 426 -4.52 8.67 6.91
C ALA A 426 -3.64 9.80 7.44
N ALA A 427 -2.56 9.46 8.14
CA ALA A 427 -1.65 10.45 8.69
C ALA A 427 -0.39 10.65 7.86
N THR A 428 -0.03 11.92 7.64
CA THR A 428 1.16 12.27 6.87
C THR A 428 1.95 13.36 7.54
N PRO A 429 3.23 13.52 7.18
CA PRO A 429 4.05 14.57 7.79
C PRO A 429 3.47 15.94 7.41
N SER A 430 3.86 16.98 8.13
CA SER A 430 3.35 18.31 7.86
C SER A 430 3.96 19.03 6.65
N GLU A 431 5.18 18.68 6.27
CA GLU A 431 5.84 19.34 5.13
C GLU A 431 5.15 19.11 3.78
N ASP A 432 5.25 20.09 2.88
CA ASP A 432 4.63 20.01 1.55
C ASP A 432 5.14 18.83 0.75
N VAL A 433 6.38 18.44 0.98
CA VAL A 433 6.97 17.30 0.29
C VAL A 433 7.53 16.34 1.33
N PHE A 434 7.19 15.06 1.22
CA PHE A 434 7.70 14.06 2.14
C PHE A 434 7.94 12.79 1.36
N TYR A 435 8.86 11.97 1.85
CA TYR A 435 9.21 10.74 1.15
C TYR A 435 8.58 9.47 1.68
N ALA A 436 8.22 8.59 0.77
CA ALA A 436 7.70 7.29 1.14
C ALA A 436 9.02 6.51 1.23
N VAL A 437 9.26 5.87 2.37
CA VAL A 437 10.47 5.08 2.55
C VAL A 437 9.98 3.67 2.92
N SER A 438 10.28 2.71 2.05
CA SER A 438 9.86 1.33 2.25
C SER A 438 11.04 0.36 2.17
N LEU A 439 11.44 -0.16 3.33
CA LEU A 439 12.54 -1.10 3.43
C LEU A 439 11.89 -2.46 3.57
N LEU A 440 11.81 -3.18 2.46
CA LEU A 440 11.14 -4.47 2.42
C LEU A 440 12.05 -5.65 2.74
N PHE A 441 12.50 -5.70 3.99
CA PHE A 441 13.38 -6.77 4.44
C PHE A 441 12.67 -8.11 4.47
N SER A 442 13.31 -9.14 3.92
CA SER A 442 12.77 -10.48 3.94
C SER A 442 13.68 -11.28 4.88
N SER A 443 13.09 -11.95 5.86
CA SER A 443 13.89 -12.74 6.78
C SER A 443 14.08 -14.13 6.17
N VAL A 444 14.86 -14.18 5.10
CA VAL A 444 15.14 -15.44 4.42
C VAL A 444 16.07 -16.31 5.25
N ALA A 445 17.30 -15.68 5.84
CA ALA A 445 18.28 -16.37 6.66
C ALA A 445 17.57 -17.12 7.80
N PRO A 446 18.19 -18.18 8.34
CA PRO A 446 17.66 -19.00 9.43
C PRO A 446 16.73 -18.24 10.37
N ASN A 447 17.26 -17.83 11.51
CA ASN A 447 16.49 -17.06 12.47
C ASN A 447 17.16 -15.70 12.48
N ASP A 448 16.99 -15.02 11.34
CA ASP A 448 17.56 -13.71 11.10
C ASP A 448 16.51 -12.65 11.40
N LEU A 449 15.36 -13.11 11.82
CA LEU A 449 14.26 -12.21 12.15
C LEU A 449 14.55 -11.26 13.30
N ALA A 450 14.95 -11.84 14.44
CA ALA A 450 15.24 -11.04 15.63
C ALA A 450 16.17 -9.87 15.34
N ARG A 451 17.18 -10.10 14.49
CA ARG A 451 18.13 -9.06 14.13
C ARG A 451 17.44 -7.94 13.34
N LEU A 452 16.64 -8.32 12.35
CA LEU A 452 15.94 -7.34 11.54
C LEU A 452 14.98 -6.51 12.38
N GLN A 453 14.30 -7.16 13.32
CA GLN A 453 13.36 -6.44 14.18
C GLN A 453 14.10 -5.43 15.05
N GLU A 454 15.30 -5.78 15.50
CA GLU A 454 16.09 -4.87 16.32
C GLU A 454 16.60 -3.74 15.43
N GLN A 455 16.96 -4.09 14.20
CA GLN A 455 17.44 -3.09 13.26
C GLN A 455 16.35 -2.04 13.03
N ASN A 456 15.11 -2.47 12.84
CA ASN A 456 14.01 -1.51 12.64
C ASN A 456 13.84 -0.62 13.87
N ARG A 457 14.02 -1.19 15.05
CA ARG A 457 13.93 -0.39 16.27
C ARG A 457 15.05 0.65 16.28
N ARG A 458 16.25 0.24 15.89
CA ARG A 458 17.39 1.16 15.85
C ARG A 458 17.11 2.30 14.88
N ILE A 459 16.58 1.97 13.70
CA ILE A 459 16.27 3.00 12.71
C ILE A 459 15.28 4.01 13.27
N LEU A 460 14.19 3.51 13.86
CA LEU A 460 13.19 4.39 14.43
C LEU A 460 13.81 5.23 15.55
N ARG A 461 14.64 4.58 16.36
CA ARG A 461 15.33 5.23 17.48
C ARG A 461 16.16 6.38 16.95
N PHE A 462 16.95 6.09 15.91
CA PHE A 462 17.79 7.11 15.28
C PHE A 462 16.95 8.32 14.87
N CYS A 463 15.81 8.05 14.23
CA CYS A 463 14.93 9.13 13.79
C CYS A 463 14.37 9.93 14.95
N ASP A 464 13.96 9.25 16.03
CA ASP A 464 13.40 9.97 17.18
C ASP A 464 14.46 10.87 17.79
N LEU A 465 15.68 10.36 17.95
CA LEU A 465 16.75 11.16 18.53
C LEU A 465 17.19 12.31 17.63
N ALA A 466 17.11 12.14 16.31
CA ALA A 466 17.51 13.19 15.39
C ALA A 466 16.44 14.25 15.22
N GLY A 467 15.27 14.03 15.82
CA GLY A 467 14.18 14.99 15.72
C GLY A 467 13.39 14.93 14.42
N ILE A 468 13.46 13.81 13.71
CA ILE A 468 12.74 13.67 12.45
C ILE A 468 11.26 13.37 12.69
N GLN A 469 10.39 14.25 12.20
CA GLN A 469 8.94 14.11 12.37
C GLN A 469 8.31 13.21 11.31
N TYR A 470 8.61 11.92 11.37
CA TYR A 470 8.07 10.97 10.41
C TYR A 470 6.72 10.42 10.84
N LYS A 471 6.08 9.70 9.92
CA LYS A 471 4.82 9.03 10.19
C LYS A 471 5.06 7.62 9.69
N THR A 472 4.60 6.62 10.44
CA THR A 472 4.77 5.26 10.00
C THR A 472 3.63 4.99 9.04
N TYR A 473 3.76 3.94 8.24
CA TYR A 473 2.74 3.57 7.29
C TYR A 473 2.70 2.04 7.35
N LEU A 474 1.49 1.48 7.40
CA LEU A 474 1.29 0.02 7.44
C LEU A 474 1.71 -0.62 8.76
N ALA A 475 2.05 0.21 9.75
CA ALA A 475 2.45 -0.32 11.04
C ALA A 475 1.35 -0.11 12.06
N ARG A 476 1.30 -0.98 13.06
CA ARG A 476 0.32 -0.84 14.12
C ARG A 476 1.08 -0.63 15.42
N HIS A 477 0.76 0.46 16.13
CA HIS A 477 1.43 0.75 17.39
C HIS A 477 0.73 0.01 18.51
N THR A 478 1.43 -0.22 19.61
CA THR A 478 0.86 -0.96 20.73
C THR A 478 0.73 -0.12 22.01
N ASP A 479 0.90 1.20 21.87
CA ASP A 479 0.77 2.09 23.01
C ASP A 479 -0.09 3.26 22.60
N ARG A 480 -1.10 3.57 23.41
CA ARG A 480 -1.99 4.68 23.11
C ARG A 480 -1.26 5.98 22.79
N SER A 481 -0.23 6.31 23.55
CA SER A 481 0.51 7.54 23.30
C SER A 481 1.13 7.53 21.91
N ASP A 482 1.43 6.35 21.39
CA ASP A 482 2.00 6.24 20.06
C ASP A 482 0.97 6.54 18.98
N TRP A 483 -0.26 6.08 19.16
CA TRP A 483 -1.29 6.36 18.17
C TRP A 483 -1.71 7.83 18.21
N VAL A 484 -1.68 8.43 19.40
CA VAL A 484 -2.04 9.83 19.53
C VAL A 484 -0.99 10.66 18.75
N ARG A 485 0.27 10.29 18.90
CA ARG A 485 1.34 11.00 18.21
C ARG A 485 1.24 10.72 16.71
N HIS A 486 0.88 9.48 16.35
CA HIS A 486 0.75 9.08 14.95
C HIS A 486 -0.22 9.99 14.19
N PHE A 487 -1.42 10.16 14.75
CA PHE A 487 -2.44 11.00 14.12
C PHE A 487 -2.26 12.50 14.38
N GLY A 488 -1.78 12.83 15.59
CA GLY A 488 -1.66 14.22 16.00
C GLY A 488 -2.79 14.35 17.02
N ALA A 489 -2.54 15.01 18.13
CA ALA A 489 -3.56 15.14 19.19
C ALA A 489 -4.94 15.58 18.72
N ALA A 490 -5.00 16.63 17.91
CA ALA A 490 -6.28 17.13 17.43
C ALA A 490 -6.95 16.16 16.45
N LYS A 491 -6.18 15.64 15.51
CA LYS A 491 -6.73 14.70 14.55
C LYS A 491 -7.15 13.45 15.28
N TRP A 492 -6.45 13.13 16.37
CA TRP A 492 -6.79 11.94 17.16
C TRP A 492 -8.20 12.09 17.74
N ASN A 493 -8.51 13.25 18.30
CA ASN A 493 -9.83 13.47 18.88
C ASN A 493 -10.90 13.25 17.82
N ARG A 494 -10.61 13.66 16.59
CA ARG A 494 -11.57 13.49 15.52
C ARG A 494 -11.76 12.00 15.25
N PHE A 495 -10.66 11.26 15.29
CA PHE A 495 -10.67 9.83 15.05
C PHE A 495 -11.56 9.15 16.10
N VAL A 496 -11.41 9.57 17.35
CA VAL A 496 -12.19 9.03 18.46
C VAL A 496 -13.67 9.38 18.30
N GLU A 497 -13.95 10.62 17.91
CA GLU A 497 -15.34 11.04 17.72
C GLU A 497 -16.00 10.11 16.72
N MET A 498 -15.30 9.80 15.64
CA MET A 498 -15.84 8.92 14.61
C MET A 498 -15.91 7.48 15.10
N LYS A 499 -15.09 7.15 16.10
CA LYS A 499 -15.09 5.80 16.63
C LYS A 499 -16.35 5.63 17.48
N ASN A 500 -16.60 6.61 18.34
CA ASN A 500 -17.77 6.58 19.20
C ASN A 500 -19.06 6.60 18.40
N LYS A 501 -19.01 7.17 17.21
CA LYS A 501 -20.20 7.25 16.37
C LYS A 501 -20.48 6.00 15.53
N TYR A 502 -19.42 5.42 14.97
CA TYR A 502 -19.57 4.26 14.09
C TYR A 502 -19.21 2.88 14.64
N ASP A 503 -18.46 2.85 15.73
CA ASP A 503 -18.11 1.56 16.34
C ASP A 503 -17.93 1.75 17.83
N PRO A 504 -19.01 2.20 18.51
CA PRO A 504 -19.00 2.43 19.97
C PRO A 504 -18.61 1.22 20.80
N LYS A 505 -18.82 0.03 20.27
CA LYS A 505 -18.47 -1.18 21.01
C LYS A 505 -17.01 -1.59 20.82
N ARG A 506 -16.30 -0.84 19.99
CA ARG A 506 -14.88 -1.10 19.74
C ARG A 506 -14.62 -2.57 19.42
N LEU A 507 -15.28 -3.05 18.36
CA LEU A 507 -15.14 -4.44 17.94
C LEU A 507 -14.42 -4.58 16.60
N LEU A 508 -14.46 -3.54 15.78
CA LEU A 508 -13.86 -3.59 14.46
C LEU A 508 -12.34 -3.46 14.37
N SER A 509 -11.77 -4.37 13.59
CA SER A 509 -10.32 -4.42 13.34
C SER A 509 -9.48 -4.21 14.60
N PRO A 510 -9.67 -5.07 15.61
CA PRO A 510 -8.92 -4.98 16.87
C PRO A 510 -7.42 -5.14 16.68
N GLY A 511 -7.05 -5.80 15.59
CA GLY A 511 -5.64 -6.01 15.28
C GLY A 511 -4.82 -4.75 15.09
N GLN A 512 -5.49 -3.59 14.97
CA GLN A 512 -4.77 -2.32 14.83
C GLN A 512 -4.25 -1.88 16.19
N ASP A 513 -4.81 -2.47 17.26
CA ASP A 513 -4.39 -2.16 18.62
C ASP A 513 -4.59 -0.69 18.99
N ILE A 514 -5.59 -0.07 18.39
CA ILE A 514 -5.87 1.33 18.68
C ILE A 514 -6.84 1.39 19.86
N PHE A 515 -7.99 0.74 19.71
CA PHE A 515 -8.99 0.71 20.75
C PHE A 515 -9.12 -0.67 21.36
N ASN A 516 -8.11 -1.49 21.12
CA ASN A 516 -8.09 -2.84 21.67
C ASN A 516 -6.66 -3.19 22.04
C1 NAG B . -22.68 -4.10 -10.73
C2 NAG B . -23.13 -3.83 -9.30
C3 NAG B . -24.25 -4.78 -8.91
C4 NAG B . -25.39 -4.79 -9.96
C5 NAG B . -24.82 -4.88 -11.39
C6 NAG B . -25.89 -4.63 -12.44
C7 NAG B . -21.17 -2.96 -8.19
C8 NAG B . -19.73 -3.15 -8.63
N2 NAG B . -22.01 -3.97 -8.39
O3 NAG B . -24.77 -4.40 -7.65
O4 NAG B . -26.24 -5.93 -9.73
O5 NAG B . -23.78 -3.91 -11.62
O6 NAG B . -25.31 -4.48 -13.74
O7 NAG B . -21.52 -1.89 -7.68
C1 NAG B . -27.26 -5.80 -8.79
C2 NAG B . -28.34 -6.85 -9.09
C3 NAG B . -29.41 -6.83 -8.01
C4 NAG B . -28.78 -7.04 -6.65
C5 NAG B . -27.67 -5.99 -6.42
C6 NAG B . -26.93 -6.21 -5.12
C7 NAG B . -28.51 -7.30 -11.44
C8 NAG B . -28.41 -6.56 -12.76
N2 NAG B . -28.93 -6.61 -10.39
O3 NAG B . -30.37 -7.86 -8.26
O4 NAG B . -29.76 -6.92 -5.63
O5 NAG B . -26.70 -6.07 -7.49
O6 NAG B . -25.55 -5.89 -5.25
O7 NAG B . -28.22 -8.49 -11.39
C1 NAG C . 32.00 -2.71 -1.96
C2 NAG C . 33.27 -2.18 -1.29
C3 NAG C . 34.49 -3.00 -1.72
C4 NAG C . 34.24 -4.50 -1.55
C5 NAG C . 32.93 -4.90 -2.22
C6 NAG C . 32.57 -6.36 -2.00
C7 NAG C . 33.22 0.17 -0.77
C8 NAG C . 33.40 1.61 -1.24
N2 NAG C . 33.47 -0.79 -1.65
O3 NAG C . 35.60 -2.62 -0.92
O4 NAG C . 35.32 -5.24 -2.15
O5 NAG C . 31.84 -4.11 -1.70
O6 NAG C . 31.59 -6.79 -2.93
O7 NAG C . 32.85 -0.05 0.38
C1 NAG C . 36.02 -6.08 -1.31
C2 NAG C . 36.70 -7.18 -2.13
C3 NAG C . 37.61 -8.03 -1.24
C4 NAG C . 38.60 -7.13 -0.51
C5 NAG C . 37.82 -6.07 0.28
C6 NAG C . 38.74 -5.10 1.02
C7 NAG C . 35.67 -8.17 -4.08
C8 NAG C . 34.69 -7.29 -4.85
N2 NAG C . 35.69 -8.02 -2.75
O3 NAG C . 38.31 -8.98 -2.04
O4 NAG C . 39.39 -7.91 0.38
O5 NAG C . 37.01 -5.29 -0.62
O6 NAG C . 38.67 -3.80 0.45
O7 NAG C . 36.38 -8.97 -4.68
C1 NAG D . 36.23 5.26 0.21
C2 NAG D . 37.32 6.12 0.87
C3 NAG D . 37.60 5.64 2.30
C4 NAG D . 36.31 5.45 3.10
C5 NAG D . 35.29 4.63 2.30
C6 NAG D . 33.95 4.52 2.99
C7 NAG D . 39.30 7.14 -0.08
C8 NAG D . 40.37 7.42 0.96
N2 NAG D . 38.54 6.05 0.09
O3 NAG D . 38.44 6.57 2.97
O4 NAG D . 36.59 4.78 4.33
O5 NAG D . 35.06 5.25 1.02
O6 NAG D . 33.25 5.77 2.94
O7 NAG D . 39.15 7.91 -1.03
C1 NAG D . 36.12 5.38 5.48
C2 NAG D . 35.90 4.32 6.57
C3 NAG D . 35.46 4.99 7.86
C4 NAG D . 36.44 6.10 8.25
C5 NAG D . 36.64 7.07 7.09
C6 NAG D . 37.69 8.12 7.38
C7 NAG D . 34.93 2.10 6.52
C8 NAG D . 33.96 1.67 7.59
N2 NAG D . 34.89 3.38 6.13
O3 NAG D . 35.40 4.02 8.90
O4 NAG D . 35.94 6.81 9.38
O5 NAG D . 37.08 6.35 5.92
O6 NAG D . 38.94 7.79 6.79
O7 NAG D . 35.73 1.30 6.04
C1 NAG E . 5.08 -18.35 9.17
C2 NAG E . 4.07 -18.91 10.18
C3 NAG E . 4.40 -20.39 10.47
C4 NAG E . 4.55 -21.18 9.17
C5 NAG E . 5.54 -20.49 8.25
C6 NAG E . 5.71 -21.19 6.91
C7 NAG E . 3.31 -17.16 11.64
C8 NAG E . 3.61 -16.28 12.85
N2 NAG E . 4.15 -18.16 11.41
O3 NAG E . 3.37 -20.95 11.26
O4 NAG E . 4.99 -22.50 9.46
O5 NAG E . 5.11 -19.14 7.98
O6 NAG E . 4.49 -21.20 6.18
O7 NAG E . 2.33 -16.93 10.94
C1 NAG F . -2.92 -1.14 -28.19
C2 NAG F . -4.36 -1.51 -27.82
C3 NAG F . -4.43 -2.98 -27.38
C4 NAG F . -3.78 -3.89 -28.42
C5 NAG F . -2.37 -3.39 -28.78
C6 NAG F . -1.73 -4.20 -29.89
C7 NAG F . -6.11 -0.31 -26.67
C8 NAG F . -6.47 1.11 -27.07
N2 NAG F . -4.82 -0.65 -26.75
O3 NAG F . -5.78 -3.35 -27.20
O4 NAG F . -3.70 -5.22 -27.92
O5 NAG F . -2.43 -2.02 -29.21
O6 NAG F . -1.86 -3.53 -31.14
O7 NAG F . -6.98 -1.09 -26.30
PA FAD G . -5.71 -6.99 5.07
O1A FAD G . -4.24 -6.97 5.35
O2A FAD G . -6.42 -8.28 4.78
O5B FAD G . -6.47 -5.97 6.01
C5B FAD G . -5.96 -4.67 6.41
C4B FAD G . -6.83 -3.91 7.40
O4B FAD G . -7.93 -3.37 6.63
C3B FAD G . -7.44 -4.76 8.52
O3B FAD G . -7.43 -4.11 9.77
C2B FAD G . -8.85 -5.05 8.01
O2B FAD G . -9.83 -5.39 8.98
C1B FAD G . -9.19 -3.81 7.17
N9A FAD G . -10.03 -4.05 6.00
C8A FAD G . -9.82 -4.95 4.99
N7A FAD G . -10.75 -4.95 4.07
C5A FAD G . -11.63 -3.99 4.51
C6A FAD G . -12.86 -3.49 3.95
N6A FAD G . -13.36 -3.98 2.80
N1A FAD G . -13.53 -2.49 4.62
C2A FAD G . -13.00 -2.02 5.78
N3A FAD G . -11.85 -2.41 6.40
C4A FAD G . -11.22 -3.43 5.67
N1 FAD G . 0.58 -0.81 0.22
C2 FAD G . 0.74 0.35 -0.50
O2 FAD G . 0.17 1.43 -0.18
N3 FAD G . 1.58 0.34 -1.64
C4 FAD G . 2.26 -0.79 -2.12
O4 FAD G . 2.98 -0.71 -3.14
C4X FAD G . 2.07 -1.99 -1.37
N5 FAD G . 2.71 -3.18 -1.79
C5X FAD G . 2.48 -4.36 -1.04
C6 FAD G . 3.10 -5.58 -1.47
C7 FAD G . 2.91 -6.77 -0.81
C7M FAD G . 3.63 -8.01 -1.37
C8 FAD G . 2.07 -6.85 0.33
C8M FAD G . 1.76 -8.22 1.06
C9 FAD G . 1.41 -5.62 0.81
C9A FAD G . 1.63 -4.38 0.14
N10 FAD G . 1.00 -3.12 0.55
C10 FAD G . 1.22 -1.95 -0.20
C1' FAD G . 0.38 -3.00 1.86
C2' FAD G . -1.13 -3.16 1.76
O2' FAD G . -1.72 -1.95 1.34
C3' FAD G . -1.71 -3.58 3.12
O3' FAD G . -1.29 -4.89 3.40
C4' FAD G . -3.24 -3.44 3.18
O4' FAD G . -3.68 -3.86 4.46
C5' FAD G . -4.00 -4.18 2.09
O5' FAD G . -3.89 -5.58 2.25
P FAD G . -5.29 -6.50 2.17
O1P FAD G . -6.23 -6.01 1.14
O2P FAD G . -4.85 -7.92 2.11
O3P FAD G . -5.92 -6.29 3.64
CL7 245 H . 7.44 -7.82 -2.86
C1 245 H . 6.46 -2.61 -2.50
O1 245 H . 6.17 -3.53 -1.75
N2 245 H . 7.10 -2.82 -3.66
C3 245 H . 7.51 -4.01 -4.06
C4 245 H . 8.29 -4.12 -5.20
C5 245 H . 8.78 -5.37 -5.59
N6 245 H . 8.51 -6.45 -4.88
C7 245 H . 7.76 -6.38 -3.76
C8 245 H . 7.24 -5.17 -3.33
N9 245 H . 6.14 -1.34 -2.24
C10 245 H . 5.53 -0.98 -1.12
C11 245 H . 5.20 -1.91 -0.13
C12 245 H . 4.59 -1.48 1.05
C13 245 H . 4.30 -0.14 1.24
C14 245 H . 4.62 0.79 0.26
C15 245 H . 5.23 0.36 -0.92
CL7 245 I . 4.18 -2.49 2.16
C1 245 I . 6.54 -2.61 -2.57
O1 245 I . 6.21 -3.51 -1.79
N2 245 I . 6.24 -1.33 -2.33
C3 245 I . 5.63 -0.93 -1.22
C4 245 I . 5.35 0.42 -1.02
C5 245 I . 4.73 0.82 0.16
N6 245 I . 4.40 -0.06 1.08
C7 245 I . 4.65 -1.37 0.92
C8 245 I . 5.27 -1.84 -0.22
N9 245 I . 7.18 -2.85 -3.71
C10 245 I . 7.57 -4.07 -4.06
C11 245 I . 7.31 -5.18 -3.28
C12 245 I . 7.77 -6.44 -3.66
C13 245 I . 8.50 -6.58 -4.83
C14 245 I . 8.77 -5.47 -5.61
C15 245 I . 8.31 -4.22 -5.24
C1 GOL J . -0.19 10.97 -16.65
O1 GOL J . 0.25 9.61 -16.54
C2 GOL J . -1.72 11.00 -16.77
O2 GOL J . -2.31 10.39 -15.63
C3 GOL J . -2.18 12.47 -16.88
O3 GOL J . -3.61 12.51 -16.99
#